data_4OOM
#
_entry.id   4OOM
#
_cell.length_a   67.660
_cell.length_b   82.820
_cell.length_c   88.310
_cell.angle_alpha   90.00
_cell.angle_beta   90.00
_cell.angle_gamma   90.00
#
_symmetry.space_group_name_H-M   'P 21 21 21'
#
loop_
_entity.id
_entity.type
_entity.pdbx_description
1 polymer 'Cell division protein FtsI [Peptidoglycan synthetase]'
2 non-polymer (2Z)-2-(2-amino-1,3-thiazol-4-yl)-2-{[(1,5-dihydroxy-4-oxo-1,4-dihydropyridin-2-yl)methoxy]imino}-N-{(2S)-1-hydroxy-3-methyl-3-[(sulfooxy)amino]butan-2-yl}ethanamide
3 water water
#
_entity_poly.entity_id   1
_entity_poly.type   'polypeptide(L)'
_entity_poly.pdbx_seq_one_letter_code
;MGHHHHHHARSVRHIAIPAHRGLITDRNGEPLAVSTPVTTLWANPKELMTAKERWPQLAAALGQDTKLFADRIEQNAERE
FIYLVRGLTPEQGEGVIALKVPGVYSIEEFRRFYPAGEVVAHAVGFTDVDDRGREGIELAFDEWLAGVPGKRQVLKDRRG
RVIKDVQVTKNAKPGKTLALSIDLRLQYLAHRELRNALLENGAKAGSLVIMDVKTGEILAMTNQPTYNPNNRRNLQPAAM
RNRAMIDVFEPGSTVKPFSMSAALASGRWKPSDIVDVYPGTLQIGRYTIRDVSRNSRQLDLTGILIKSSNVGISKIAFDI
GAESIYSVMQQVGLGQDTGLGFPGERVGNLPNHRKWPKAETATLAYGYGLSVTAIQLAHAYAALANDGKSVPLSMTRVDR
VPDGVQVISPEVASTVQGMLQQVVEAQGGVFRAQVPGYHAAGKSGTARKVSVGTKGYRENAYRSLFAGFAPATDPRIAMV
VVIDEPSKAGYFGGLVSAPVFSKVMAGALRLMNVPPDNLPTATEQQQVNAAPAKGGRG
;
_entity_poly.pdbx_strand_id   A
#
# COMPACT_ATOMS: atom_id res chain seq x y z
N ARG A 13 -4.53 22.92 36.91
CA ARG A 13 -5.62 23.90 36.86
C ARG A 13 -6.15 24.13 35.42
N HIS A 14 -5.47 23.54 34.40
CA HIS A 14 -5.86 23.66 33.00
C HIS A 14 -5.83 22.30 32.28
N ILE A 15 -6.95 21.94 31.61
CA ILE A 15 -7.13 20.68 30.87
C ILE A 15 -7.14 20.84 29.33
N ALA A 16 -6.86 19.74 28.59
CA ALA A 16 -6.79 19.70 27.13
C ALA A 16 -8.11 19.30 26.46
N ILE A 17 -8.62 20.17 25.56
CA ILE A 17 -9.86 19.91 24.81
C ILE A 17 -9.52 19.15 23.50
N PRO A 18 -9.82 17.83 23.37
CA PRO A 18 -9.44 17.11 22.15
C PRO A 18 -10.15 17.63 20.89
N ALA A 19 -9.36 17.89 19.84
CA ALA A 19 -9.83 18.40 18.55
C ALA A 19 -10.43 17.31 17.68
N HIS A 20 -11.36 17.69 16.79
CA HIS A 20 -12.00 16.78 15.85
C HIS A 20 -11.01 16.48 14.71
N ARG A 21 -10.62 15.20 14.57
CA ARG A 21 -9.69 14.75 13.54
C ARG A 21 -10.33 14.81 12.13
N GLY A 22 -9.57 15.38 11.18
CA GLY A 22 -9.95 15.54 9.78
C GLY A 22 -10.50 14.28 9.12
N LEU A 23 -11.59 14.44 8.38
CA LEU A 23 -12.22 13.35 7.65
C LEU A 23 -11.31 12.85 6.49
N ILE A 24 -11.22 11.54 6.32
CA ILE A 24 -10.48 10.98 5.18
C ILE A 24 -11.52 10.49 4.19
N THR A 25 -11.50 10.96 2.95
CA THR A 25 -12.44 10.41 1.97
C THR A 25 -11.64 9.75 0.87
N ASP A 26 -12.31 8.98 -0.04
CA ASP A 26 -11.69 8.46 -1.25
C ASP A 26 -11.76 9.64 -2.24
N ARG A 27 -11.26 9.47 -3.47
CA ARG A 27 -11.18 10.53 -4.46
C ARG A 27 -12.54 11.12 -4.85
N ASN A 28 -13.65 10.37 -4.63
CA ASN A 28 -14.99 10.83 -4.98
C ASN A 28 -15.77 11.31 -3.76
N GLY A 29 -15.09 11.46 -2.63
CA GLY A 29 -15.74 11.95 -1.42
C GLY A 29 -16.41 10.89 -0.56
N GLU A 30 -16.19 9.59 -0.85
CA GLU A 30 -16.77 8.54 0.00
C GLU A 30 -16.01 8.48 1.32
N PRO A 31 -16.69 8.55 2.49
CA PRO A 31 -15.94 8.55 3.76
C PRO A 31 -15.16 7.28 4.08
N LEU A 32 -13.88 7.45 4.47
CA LEU A 32 -13.01 6.31 4.78
C LEU A 32 -12.56 6.25 6.22
N ALA A 33 -12.45 7.39 6.90
CA ALA A 33 -12.09 7.50 8.32
C ALA A 33 -12.84 8.68 8.87
N VAL A 34 -13.69 8.43 9.86
CA VAL A 34 -14.60 9.42 10.45
C VAL A 34 -14.41 9.51 11.96
N SER A 35 -14.26 10.75 12.48
CA SER A 35 -14.13 11.00 13.92
C SER A 35 -15.47 10.85 14.60
N THR A 36 -15.57 9.90 15.53
CA THR A 36 -16.84 9.63 16.21
C THR A 36 -16.77 10.00 17.70
N PRO A 37 -17.80 10.73 18.22
CA PRO A 37 -17.76 11.10 19.65
C PRO A 37 -17.77 9.88 20.57
N VAL A 38 -16.94 9.94 21.59
CA VAL A 38 -16.78 8.93 22.63
C VAL A 38 -16.66 9.66 23.97
N THR A 39 -17.04 8.96 25.07
CA THR A 39 -17.04 9.56 26.40
C THR A 39 -15.98 8.97 27.28
N THR A 40 -15.08 9.84 27.73
CA THR A 40 -14.01 9.47 28.63
C THR A 40 -14.41 9.92 30.03
N LEU A 41 -14.31 9.01 30.98
CA LEU A 41 -14.67 9.31 32.35
C LEU A 41 -13.46 9.36 33.23
N TRP A 42 -13.38 10.40 34.03
CA TRP A 42 -12.30 10.58 34.97
C TRP A 42 -12.87 10.85 36.35
N ALA A 43 -12.05 10.73 37.38
CA ALA A 43 -12.53 10.96 38.73
C ALA A 43 -11.53 11.67 39.61
N ASN A 44 -12.05 12.42 40.59
CA ASN A 44 -11.22 13.05 41.59
C ASN A 44 -11.31 12.06 42.77
N PRO A 45 -10.28 11.19 42.98
CA PRO A 45 -10.38 10.18 44.04
C PRO A 45 -10.76 10.73 45.41
N LYS A 46 -10.16 11.88 45.81
CA LYS A 46 -10.46 12.54 47.09
C LYS A 46 -11.96 12.69 47.29
N GLU A 47 -12.70 13.03 46.21
CA GLU A 47 -14.15 13.19 46.21
C GLU A 47 -14.90 11.84 46.19
N LEU A 48 -14.39 10.84 45.43
CA LEU A 48 -14.97 9.50 45.31
C LEU A 48 -14.98 8.78 46.64
N MET A 49 -13.94 9.03 47.45
CA MET A 49 -13.70 8.48 48.79
C MET A 49 -14.76 8.90 49.80
N THR A 50 -15.64 9.85 49.42
CA THR A 50 -16.72 10.35 50.27
C THR A 50 -18.06 9.72 49.87
N ALA A 51 -18.05 8.83 48.84
CA ALA A 51 -19.24 8.17 48.34
C ALA A 51 -18.93 6.68 48.04
N LYS A 52 -18.23 6.00 48.97
CA LYS A 52 -17.84 4.57 48.82
C LYS A 52 -19.03 3.64 48.56
N GLU A 53 -20.20 3.94 49.16
CA GLU A 53 -21.42 3.16 48.95
C GLU A 53 -21.89 3.14 47.50
N ARG A 54 -21.40 4.09 46.69
CA ARG A 54 -21.74 4.20 45.27
C ARG A 54 -20.79 3.41 44.34
N TRP A 55 -19.58 3.05 44.83
CA TRP A 55 -18.54 2.37 44.03
C TRP A 55 -18.98 1.09 43.28
N PRO A 56 -19.69 0.11 43.91
CA PRO A 56 -20.05 -1.11 43.16
C PRO A 56 -20.91 -0.85 41.92
N GLN A 57 -21.88 0.07 42.02
CA GLN A 57 -22.73 0.47 40.87
C GLN A 57 -21.89 1.15 39.81
N LEU A 58 -20.93 1.99 40.26
CA LEU A 58 -20.03 2.69 39.34
C LEU A 58 -19.11 1.66 38.63
N ALA A 59 -18.55 0.71 39.40
CA ALA A 59 -17.67 -0.37 38.90
C ALA A 59 -18.37 -1.18 37.79
N ALA A 60 -19.64 -1.56 38.02
CA ALA A 60 -20.45 -2.29 37.06
C ALA A 60 -20.67 -1.49 35.79
N ALA A 61 -21.09 -0.21 35.92
CA ALA A 61 -21.35 0.70 34.81
C ALA A 61 -20.11 1.03 33.93
N LEU A 62 -18.89 0.76 34.45
CA LEU A 62 -17.63 0.99 33.74
C LEU A 62 -17.05 -0.32 33.17
N GLY A 63 -17.60 -1.45 33.62
CA GLY A 63 -17.15 -2.78 33.21
C GLY A 63 -15.91 -3.21 33.96
N GLN A 64 -15.82 -2.85 35.26
CA GLN A 64 -14.71 -3.23 36.12
C GLN A 64 -15.20 -4.10 37.27
N ASP A 65 -14.30 -4.88 37.91
CA ASP A 65 -14.63 -5.75 39.04
C ASP A 65 -14.80 -4.88 40.28
N THR A 66 -15.71 -5.28 41.20
CA THR A 66 -16.04 -4.53 42.42
C THR A 66 -14.80 -4.28 43.30
N LYS A 67 -14.13 -5.35 43.70
CA LYS A 67 -12.95 -5.24 44.54
C LYS A 67 -11.74 -4.63 43.85
N LEU A 68 -11.51 -4.94 42.55
CA LEU A 68 -10.40 -4.38 41.80
C LEU A 68 -10.58 -2.87 41.66
N PHE A 69 -11.84 -2.43 41.40
CA PHE A 69 -12.18 -1.02 41.30
C PHE A 69 -11.95 -0.31 42.63
N ALA A 70 -12.39 -0.90 43.77
CA ALA A 70 -12.21 -0.32 45.11
C ALA A 70 -10.71 -0.30 45.51
N ASP A 71 -9.94 -1.28 45.01
CA ASP A 71 -8.50 -1.38 45.26
C ASP A 71 -7.80 -0.21 44.57
N ARG A 72 -8.19 0.06 43.32
CA ARG A 72 -7.67 1.14 42.47
C ARG A 72 -7.90 2.53 43.07
N ILE A 73 -9.13 2.81 43.58
CA ILE A 73 -9.48 4.11 44.18
C ILE A 73 -8.75 4.34 45.51
N GLU A 74 -8.68 3.29 46.35
CA GLU A 74 -8.01 3.41 47.65
C GLU A 74 -6.54 3.82 47.52
N GLN A 75 -5.83 3.20 46.55
CA GLN A 75 -4.42 3.46 46.23
C GLN A 75 -4.18 4.92 45.81
N ASN A 76 -5.12 5.48 45.02
CA ASN A 76 -5.02 6.83 44.50
C ASN A 76 -5.82 7.85 45.32
N ALA A 77 -6.17 7.54 46.58
CA ALA A 77 -6.95 8.41 47.48
C ALA A 77 -6.44 9.84 47.62
N GLU A 78 -5.11 10.02 47.58
CA GLU A 78 -4.45 11.31 47.70
C GLU A 78 -4.44 12.09 46.37
N ARG A 79 -4.50 11.37 45.22
CA ARG A 79 -4.53 11.96 43.87
C ARG A 79 -5.77 12.84 43.63
N GLU A 80 -5.64 13.86 42.76
CA GLU A 80 -6.69 14.83 42.44
C GLU A 80 -7.36 14.54 41.09
N PHE A 81 -6.79 13.59 40.33
CA PHE A 81 -7.23 13.20 39.01
C PHE A 81 -6.75 11.79 38.72
N ILE A 82 -7.60 10.98 38.10
CA ILE A 82 -7.36 9.62 37.60
C ILE A 82 -8.39 9.37 36.52
N TYR A 83 -8.05 8.55 35.53
CA TYR A 83 -8.99 8.18 34.49
C TYR A 83 -9.76 6.95 34.97
N LEU A 84 -11.03 6.85 34.62
CA LEU A 84 -11.83 5.70 35.01
C LEU A 84 -11.90 4.75 33.84
N VAL A 85 -12.27 5.27 32.67
CA VAL A 85 -12.42 4.52 31.41
C VAL A 85 -12.32 5.52 30.24
N ARG A 86 -11.86 5.04 29.08
CA ARG A 86 -11.73 5.86 27.87
C ARG A 86 -12.53 5.25 26.74
N GLY A 87 -13.11 6.12 25.92
CA GLY A 87 -13.79 5.73 24.71
C GLY A 87 -15.10 4.98 24.83
N LEU A 88 -15.89 5.25 25.90
CA LEU A 88 -17.22 4.66 26.02
C LEU A 88 -18.09 5.35 24.98
N THR A 89 -19.17 4.68 24.52
CA THR A 89 -20.09 5.32 23.58
C THR A 89 -20.79 6.43 24.37
N PRO A 90 -21.18 7.58 23.78
CA PRO A 90 -21.83 8.63 24.59
C PRO A 90 -23.10 8.13 25.31
N GLU A 91 -23.68 7.00 24.87
CA GLU A 91 -24.87 6.37 25.47
C GLU A 91 -24.47 5.62 26.76
N GLN A 92 -23.35 4.86 26.73
CA GLN A 92 -22.78 4.15 27.88
C GLN A 92 -22.31 5.22 28.88
N GLY A 93 -21.70 6.29 28.36
CA GLY A 93 -21.22 7.44 29.11
C GLY A 93 -22.30 8.15 29.88
N GLU A 94 -23.53 8.22 29.29
CA GLU A 94 -24.72 8.82 29.90
C GLU A 94 -25.16 8.01 31.11
N GLY A 95 -25.16 6.68 30.97
CA GLY A 95 -25.52 5.73 32.03
C GLY A 95 -24.71 5.89 33.31
N VAL A 96 -23.40 6.21 33.16
CA VAL A 96 -22.50 6.45 34.29
C VAL A 96 -22.83 7.82 34.91
N ILE A 97 -23.08 8.86 34.08
CA ILE A 97 -23.43 10.20 34.56
C ILE A 97 -24.79 10.17 35.27
N ALA A 98 -25.73 9.30 34.79
CA ALA A 98 -27.05 9.07 35.37
C ALA A 98 -26.94 8.51 36.80
N LEU A 99 -25.83 7.80 37.11
CA LEU A 99 -25.58 7.25 38.44
C LEU A 99 -25.42 8.35 39.47
N LYS A 100 -24.98 9.55 39.02
CA LYS A 100 -24.79 10.74 39.86
C LYS A 100 -23.82 10.48 41.03
N VAL A 101 -22.68 9.88 40.72
CA VAL A 101 -21.64 9.58 41.73
C VAL A 101 -20.77 10.82 41.97
N PRO A 102 -20.68 11.30 43.23
CA PRO A 102 -19.80 12.45 43.53
C PRO A 102 -18.34 12.22 43.17
N GLY A 103 -17.72 13.21 42.52
CA GLY A 103 -16.33 13.12 42.07
C GLY A 103 -16.10 12.44 40.74
N VAL A 104 -17.18 12.17 39.98
CA VAL A 104 -17.06 11.55 38.65
C VAL A 104 -17.30 12.62 37.57
N TYR A 105 -16.32 12.80 36.66
CA TYR A 105 -16.40 13.80 35.58
C TYR A 105 -16.22 13.19 34.20
N SER A 106 -16.73 13.87 33.16
CA SER A 106 -16.65 13.36 31.79
C SER A 106 -15.99 14.35 30.81
N ILE A 107 -15.26 13.79 29.83
CA ILE A 107 -14.56 14.50 28.76
C ILE A 107 -15.03 13.87 27.42
N GLU A 108 -15.38 14.74 26.45
CA GLU A 108 -15.82 14.35 25.12
C GLU A 108 -14.54 14.13 24.29
N GLU A 109 -14.31 12.87 23.87
CA GLU A 109 -13.13 12.51 23.10
C GLU A 109 -13.55 12.08 21.68
N PHE A 110 -12.59 11.60 20.86
CA PHE A 110 -12.85 11.12 19.51
C PHE A 110 -12.17 9.81 19.26
N ARG A 111 -12.87 8.93 18.55
CA ARG A 111 -12.37 7.63 18.15
C ARG A 111 -12.73 7.52 16.69
N ARG A 112 -11.87 6.91 15.89
CA ARG A 112 -12.15 6.79 14.47
C ARG A 112 -13.05 5.61 14.14
N PHE A 113 -13.92 5.82 13.14
CA PHE A 113 -14.74 4.79 12.55
C PHE A 113 -14.28 4.70 11.08
N TYR A 114 -14.08 3.48 10.58
CA TYR A 114 -13.61 3.19 9.22
C TYR A 114 -14.73 2.46 8.49
N PRO A 115 -15.60 3.21 7.76
CA PRO A 115 -16.77 2.58 7.12
C PRO A 115 -16.48 1.42 6.16
N ALA A 116 -15.35 1.45 5.43
CA ALA A 116 -15.03 0.38 4.49
C ALA A 116 -14.25 -0.76 5.16
N GLY A 117 -13.93 -0.59 6.43
CA GLY A 117 -13.23 -1.57 7.26
C GLY A 117 -12.05 -2.22 6.60
N GLU A 118 -12.04 -3.55 6.54
CA GLU A 118 -10.91 -4.32 6.00
C GLU A 118 -10.50 -4.07 4.55
N VAL A 119 -11.41 -3.59 3.74
CA VAL A 119 -11.24 -3.31 2.32
C VAL A 119 -10.11 -2.32 2.00
N VAL A 120 -9.96 -1.30 2.84
CA VAL A 120 -8.92 -0.29 2.64
C VAL A 120 -8.09 -0.07 3.92
N ALA A 121 -7.96 -1.14 4.75
CA ALA A 121 -7.25 -1.09 6.04
C ALA A 121 -5.84 -0.63 5.94
N HIS A 122 -5.06 -1.22 5.02
CA HIS A 122 -3.64 -0.86 4.93
C HIS A 122 -3.37 0.53 4.41
N ALA A 123 -4.14 0.99 3.44
CA ALA A 123 -3.91 2.33 2.87
C ALA A 123 -4.36 3.42 3.84
N VAL A 124 -5.60 3.34 4.34
CA VAL A 124 -6.11 4.33 5.31
C VAL A 124 -5.32 4.23 6.65
N GLY A 125 -5.15 3.01 7.15
CA GLY A 125 -4.44 2.76 8.40
C GLY A 125 -5.34 2.94 9.60
N PHE A 126 -4.75 3.27 10.76
CA PHE A 126 -5.52 3.51 11.97
C PHE A 126 -4.83 4.42 13.00
N THR A 127 -5.62 4.85 13.98
CA THR A 127 -5.21 5.72 15.09
C THR A 127 -5.00 4.91 16.37
N ASP A 128 -4.17 5.43 17.30
CA ASP A 128 -3.91 4.79 18.61
C ASP A 128 -5.00 5.19 19.61
N VAL A 129 -4.82 4.86 20.92
CA VAL A 129 -5.77 5.18 21.99
C VAL A 129 -5.94 6.70 22.19
N ASP A 130 -4.96 7.48 21.76
CA ASP A 130 -4.93 8.94 21.87
C ASP A 130 -5.42 9.67 20.63
N ASP A 131 -6.01 8.94 19.67
CA ASP A 131 -6.51 9.48 18.39
C ASP A 131 -5.37 9.99 17.46
N ARG A 132 -4.18 9.38 17.58
CA ARG A 132 -3.04 9.75 16.74
C ARG A 132 -2.79 8.66 15.74
N GLY A 133 -2.41 9.05 14.52
CA GLY A 133 -2.11 8.14 13.44
C GLY A 133 -1.00 7.18 13.81
N ARG A 134 -1.23 5.91 13.55
CA ARG A 134 -0.34 4.82 13.89
C ARG A 134 0.17 4.07 12.67
N GLU A 135 -0.64 4.01 11.62
CA GLU A 135 -0.39 3.27 10.39
C GLU A 135 -1.03 3.98 9.20
N GLY A 136 -0.52 3.68 8.00
CA GLY A 136 -0.99 4.17 6.73
C GLY A 136 -1.17 5.66 6.63
N ILE A 137 -2.22 6.12 5.92
CA ILE A 137 -2.46 7.56 5.75
C ILE A 137 -2.61 8.27 7.09
N GLU A 138 -3.28 7.62 8.06
CA GLU A 138 -3.52 8.22 9.41
C GLU A 138 -2.19 8.72 9.99
N LEU A 139 -1.13 7.92 9.86
CA LEU A 139 0.22 8.22 10.28
C LEU A 139 0.85 9.26 9.35
N ALA A 140 0.96 8.94 8.03
CA ALA A 140 1.63 9.82 7.05
C ALA A 140 1.14 11.26 7.07
N PHE A 141 -0.18 11.46 7.14
CA PHE A 141 -0.77 12.82 7.17
C PHE A 141 -1.28 13.17 8.58
N ASP A 142 -0.65 12.60 9.62
CA ASP A 142 -1.10 12.88 11.00
C ASP A 142 -1.20 14.36 11.39
N GLU A 143 -0.25 15.21 10.95
CA GLU A 143 -0.23 16.65 11.26
C GLU A 143 -1.37 17.41 10.58
N TRP A 144 -1.63 17.11 9.31
CA TRP A 144 -2.73 17.69 8.54
C TRP A 144 -4.10 17.31 9.18
N LEU A 145 -4.25 16.03 9.54
CA LEU A 145 -5.50 15.47 10.08
C LEU A 145 -5.75 15.79 11.54
N ALA A 146 -4.67 15.93 12.36
CA ALA A 146 -4.85 16.14 13.81
C ALA A 146 -5.41 17.47 14.26
N GLY A 147 -5.10 18.54 13.56
CA GLY A 147 -5.56 19.85 14.03
C GLY A 147 -4.75 20.28 15.25
N VAL A 148 -5.38 21.01 16.19
CA VAL A 148 -4.70 21.46 17.42
C VAL A 148 -5.62 21.44 18.65
N PRO A 149 -5.24 20.72 19.74
CA PRO A 149 -6.12 20.66 20.92
C PRO A 149 -6.40 22.00 21.59
N GLY A 150 -7.52 22.06 22.32
CA GLY A 150 -7.94 23.24 23.06
C GLY A 150 -7.43 23.25 24.48
N LYS A 151 -7.59 24.42 25.15
CA LYS A 151 -7.17 24.65 26.53
C LYS A 151 -8.22 25.51 27.26
N ARG A 152 -8.69 25.02 28.42
CA ARG A 152 -9.67 25.74 29.23
C ARG A 152 -9.25 25.90 30.70
N GLN A 153 -9.82 26.92 31.38
CA GLN A 153 -9.56 27.28 32.77
C GLN A 153 -10.68 26.76 33.69
N VAL A 154 -10.31 26.11 34.80
CA VAL A 154 -11.26 25.56 35.78
C VAL A 154 -10.96 25.97 37.23
N LEU A 155 -12.03 26.08 38.05
CA LEU A 155 -11.92 26.43 39.47
C LEU A 155 -11.99 25.15 40.30
N LYS A 156 -10.90 24.85 41.07
CA LYS A 156 -10.80 23.66 41.90
C LYS A 156 -10.29 23.97 43.31
N ASP A 157 -11.01 23.48 44.33
CA ASP A 157 -10.68 23.66 45.75
C ASP A 157 -9.66 22.60 46.26
N ARG A 158 -9.53 22.44 47.61
CA ARG A 158 -8.61 21.48 48.22
C ARG A 158 -9.02 20.03 48.00
N ARG A 159 -10.34 19.73 48.11
CA ARG A 159 -10.85 18.38 47.86
C ARG A 159 -10.83 18.01 46.37
N GLY A 160 -10.60 19.02 45.51
CA GLY A 160 -10.47 18.89 44.07
C GLY A 160 -11.76 18.95 43.27
N ARG A 161 -12.83 19.52 43.86
CA ARG A 161 -14.13 19.64 43.21
C ARG A 161 -14.06 20.65 42.07
N VAL A 162 -14.44 20.22 40.86
CA VAL A 162 -14.45 21.08 39.66
C VAL A 162 -15.67 22.00 39.79
N ILE A 163 -15.44 23.18 40.40
CA ILE A 163 -16.46 24.19 40.69
C ILE A 163 -17.09 24.77 39.41
N LYS A 164 -16.26 25.33 38.49
CA LYS A 164 -16.78 25.92 37.25
C LYS A 164 -15.76 26.05 36.12
N ASP A 165 -16.22 25.85 34.87
CA ASP A 165 -15.43 26.02 33.66
C ASP A 165 -15.42 27.52 33.36
N VAL A 166 -14.54 28.25 34.08
CA VAL A 166 -14.35 29.71 34.07
C VAL A 166 -14.38 30.30 32.65
N GLN A 167 -13.32 30.05 31.85
CA GLN A 167 -13.20 30.56 30.48
C GLN A 167 -12.29 29.69 29.62
N VAL A 168 -12.48 29.76 28.29
CA VAL A 168 -11.65 29.02 27.34
C VAL A 168 -10.40 29.83 26.99
N THR A 169 -9.23 29.32 27.42
CA THR A 169 -7.91 29.92 27.19
C THR A 169 -7.58 29.88 25.69
N LYS A 170 -7.93 28.75 25.03
CA LYS A 170 -7.72 28.49 23.60
C LYS A 170 -8.76 27.49 23.12
N ASN A 171 -9.46 27.80 22.01
CA ASN A 171 -10.45 26.88 21.43
C ASN A 171 -9.76 25.86 20.54
N ALA A 172 -10.22 24.59 20.60
CA ALA A 172 -9.69 23.49 19.79
C ALA A 172 -9.98 23.73 18.31
N LYS A 173 -8.93 23.69 17.47
CA LYS A 173 -9.03 23.86 16.03
C LYS A 173 -9.13 22.48 15.36
N PRO A 174 -10.23 22.18 14.60
CA PRO A 174 -10.36 20.85 14.00
C PRO A 174 -9.30 20.54 12.95
N GLY A 175 -9.13 19.25 12.66
CA GLY A 175 -8.23 18.77 11.61
C GLY A 175 -8.80 19.08 10.24
N LYS A 176 -7.99 18.89 9.20
CA LYS A 176 -8.41 19.18 7.84
C LYS A 176 -8.81 17.91 7.08
N THR A 177 -9.87 18.04 6.26
CA THR A 177 -10.36 16.96 5.41
C THR A 177 -9.26 16.54 4.40
N LEU A 178 -9.17 15.25 4.10
CA LEU A 178 -8.17 14.76 3.14
C LEU A 178 -8.81 13.77 2.18
N ALA A 179 -8.69 14.04 0.88
CA ALA A 179 -9.23 13.21 -0.16
C ALA A 179 -8.09 12.40 -0.74
N LEU A 180 -8.19 11.06 -0.62
CA LEU A 180 -7.18 10.12 -1.12
C LEU A 180 -7.28 9.97 -2.60
N SER A 181 -6.23 9.46 -3.24
CA SER A 181 -6.22 9.15 -4.67
C SER A 181 -7.05 7.85 -4.90
N ILE A 182 -7.20 7.01 -3.84
CA ILE A 182 -7.95 5.75 -3.88
C ILE A 182 -9.36 5.94 -4.40
N ASP A 183 -9.79 5.08 -5.33
CA ASP A 183 -11.16 5.02 -5.82
C ASP A 183 -11.74 3.78 -5.12
N LEU A 184 -12.64 3.98 -4.15
CA LEU A 184 -13.24 2.88 -3.38
C LEU A 184 -13.87 1.81 -4.26
N ARG A 185 -14.41 2.21 -5.43
CA ARG A 185 -14.99 1.25 -6.38
C ARG A 185 -13.91 0.29 -6.91
N LEU A 186 -12.72 0.84 -7.28
CA LEU A 186 -11.63 0.00 -7.79
C LEU A 186 -11.01 -0.78 -6.63
N GLN A 187 -10.96 -0.15 -5.44
CA GLN A 187 -10.45 -0.76 -4.21
C GLN A 187 -11.24 -2.03 -3.85
N TYR A 188 -12.60 -1.95 -3.87
CA TYR A 188 -13.50 -3.09 -3.57
C TYR A 188 -13.16 -4.24 -4.52
N LEU A 189 -13.11 -3.96 -5.83
CA LEU A 189 -12.78 -4.95 -6.86
C LEU A 189 -11.40 -5.57 -6.62
N ALA A 190 -10.34 -4.73 -6.41
CA ALA A 190 -8.98 -5.24 -6.19
C ALA A 190 -8.97 -6.12 -4.94
N HIS A 191 -9.63 -5.68 -3.86
CA HIS A 191 -9.69 -6.42 -2.58
C HIS A 191 -10.29 -7.80 -2.79
N ARG A 192 -11.46 -7.83 -3.42
CA ARG A 192 -12.22 -9.04 -3.67
C ARG A 192 -11.47 -10.05 -4.52
N GLU A 193 -10.93 -9.60 -5.66
CA GLU A 193 -10.21 -10.49 -6.57
C GLU A 193 -8.90 -10.99 -5.96
N LEU A 194 -8.16 -10.15 -5.21
CA LEU A 194 -6.93 -10.62 -4.53
C LEU A 194 -7.24 -11.65 -3.46
N ARG A 195 -8.30 -11.42 -2.66
CA ARG A 195 -8.72 -12.37 -1.63
C ARG A 195 -9.06 -13.71 -2.29
N ASN A 196 -9.91 -13.69 -3.34
CA ASN A 196 -10.30 -14.93 -4.04
C ASN A 196 -9.09 -15.68 -4.65
N ALA A 197 -8.11 -14.94 -5.17
CA ALA A 197 -6.88 -15.47 -5.76
C ALA A 197 -6.01 -16.16 -4.73
N LEU A 198 -5.93 -15.60 -3.52
CA LEU A 198 -5.16 -16.17 -2.42
C LEU A 198 -5.74 -17.51 -2.00
N LEU A 199 -7.07 -17.58 -1.84
CA LEU A 199 -7.81 -18.78 -1.45
C LEU A 199 -7.70 -19.91 -2.48
N GLU A 200 -7.88 -19.58 -3.77
CA GLU A 200 -7.78 -20.51 -4.91
C GLU A 200 -6.36 -21.07 -5.04
N ASN A 201 -5.35 -20.24 -4.77
CA ASN A 201 -3.96 -20.62 -4.90
C ASN A 201 -3.31 -21.08 -3.58
N GLY A 202 -4.06 -21.05 -2.47
CA GLY A 202 -3.56 -21.43 -1.15
C GLY A 202 -2.31 -20.65 -0.75
N ALA A 203 -2.28 -19.34 -1.14
CA ALA A 203 -1.14 -18.45 -0.92
C ALA A 203 -1.03 -17.88 0.47
N LYS A 204 0.22 -17.59 0.91
CA LYS A 204 0.54 -17.02 2.21
C LYS A 204 0.05 -15.57 2.27
N ALA A 205 0.32 -14.80 1.20
CA ALA A 205 -0.01 -13.39 1.17
C ALA A 205 -0.06 -12.89 -0.27
N GLY A 206 -0.50 -11.64 -0.42
CA GLY A 206 -0.57 -11.03 -1.74
C GLY A 206 -0.69 -9.53 -1.68
N SER A 207 -0.33 -8.85 -2.77
CA SER A 207 -0.52 -7.40 -2.89
C SER A 207 -1.05 -7.11 -4.27
N LEU A 208 -1.79 -6.01 -4.42
CA LEU A 208 -2.26 -5.54 -5.73
C LEU A 208 -2.30 -4.03 -5.69
N VAL A 209 -1.59 -3.39 -6.65
CA VAL A 209 -1.55 -1.92 -6.80
C VAL A 209 -2.10 -1.55 -8.16
N ILE A 210 -2.98 -0.53 -8.21
CA ILE A 210 -3.49 0.09 -9.45
C ILE A 210 -3.03 1.55 -9.43
N MET A 211 -2.45 2.00 -10.53
CA MET A 211 -2.04 3.39 -10.70
C MET A 211 -2.61 4.03 -11.94
N ASP A 212 -2.84 5.35 -11.90
CA ASP A 212 -3.28 6.15 -13.04
C ASP A 212 -1.96 6.57 -13.66
N VAL A 213 -1.67 6.11 -14.85
CA VAL A 213 -0.37 6.40 -15.48
C VAL A 213 -0.09 7.91 -15.80
N LYS A 214 -1.18 8.69 -16.01
CA LYS A 214 -1.18 10.09 -16.38
C LYS A 214 -0.99 11.06 -15.22
N THR A 215 -1.51 10.70 -14.03
CA THR A 215 -1.52 11.58 -12.85
C THR A 215 -0.62 11.14 -11.70
N GLY A 216 -0.14 9.90 -11.72
CA GLY A 216 0.69 9.32 -10.68
C GLY A 216 -0.11 8.87 -9.47
N GLU A 217 -1.44 8.90 -9.55
CA GLU A 217 -2.31 8.52 -8.41
C GLU A 217 -2.34 7.03 -8.15
N ILE A 218 -2.34 6.64 -6.88
CA ILE A 218 -2.53 5.22 -6.55
C ILE A 218 -4.06 5.07 -6.43
N LEU A 219 -4.68 4.33 -7.36
CA LEU A 219 -6.14 4.19 -7.40
C LEU A 219 -6.64 3.05 -6.52
N ALA A 220 -5.76 2.10 -6.27
CA ALA A 220 -6.07 0.97 -5.36
C ALA A 220 -4.79 0.40 -4.88
N MET A 221 -4.79 -0.02 -3.60
CA MET A 221 -3.66 -0.65 -2.95
C MET A 221 -4.25 -1.58 -1.91
N THR A 222 -4.21 -2.87 -2.18
CA THR A 222 -4.77 -3.88 -1.25
C THR A 222 -3.72 -4.94 -0.95
N ASN A 223 -3.81 -5.56 0.24
CA ASN A 223 -2.92 -6.66 0.63
C ASN A 223 -3.75 -7.73 1.27
N GLN A 224 -3.26 -8.97 1.25
CA GLN A 224 -3.83 -10.09 1.99
C GLN A 224 -2.66 -10.68 2.77
N PRO A 225 -2.80 -11.04 4.07
CA PRO A 225 -4.02 -10.92 4.88
C PRO A 225 -4.33 -9.45 5.20
N THR A 226 -5.58 -9.18 5.53
CA THR A 226 -6.05 -7.85 5.93
C THR A 226 -6.67 -7.98 7.32
N TYR A 227 -7.20 -6.87 7.86
CA TYR A 227 -7.78 -6.87 9.20
C TYR A 227 -8.83 -5.78 9.24
N ASN A 228 -9.73 -5.88 10.20
CA ASN A 228 -10.76 -4.88 10.39
C ASN A 228 -10.20 -3.83 11.36
N PRO A 229 -9.94 -2.60 10.89
CA PRO A 229 -9.40 -1.56 11.81
C PRO A 229 -10.41 -1.04 12.84
N ASN A 230 -11.68 -1.48 12.76
CA ASN A 230 -12.73 -1.12 13.73
C ASN A 230 -12.73 -2.10 14.91
N ASN A 231 -12.13 -3.28 14.71
CA ASN A 231 -12.01 -4.27 15.78
C ASN A 231 -10.62 -4.09 16.41
N ARG A 232 -10.59 -3.27 17.43
CA ARG A 232 -9.37 -2.92 18.09
C ARG A 232 -8.78 -3.95 19.07
N ARG A 233 -9.30 -5.17 19.07
CA ARG A 233 -8.72 -6.21 19.91
C ARG A 233 -8.23 -7.35 19.04
N ASN A 234 -7.31 -8.15 19.55
CA ASN A 234 -6.49 -9.11 18.77
C ASN A 234 -5.47 -8.46 17.84
N LEU A 235 -5.94 -7.58 16.98
CA LEU A 235 -5.13 -7.06 15.87
C LEU A 235 -3.81 -7.82 15.70
N GLN A 236 -3.78 -8.67 14.69
CA GLN A 236 -2.60 -9.46 14.37
C GLN A 236 -1.52 -8.71 13.54
N PRO A 237 -0.31 -8.68 14.06
CA PRO A 237 0.77 -7.92 13.46
C PRO A 237 0.97 -8.14 11.97
N ALA A 238 1.08 -9.39 11.56
CA ALA A 238 1.28 -9.87 10.17
C ALA A 238 0.14 -9.39 9.24
N ALA A 239 -1.10 -9.33 9.79
CA ALA A 239 -2.29 -8.89 9.07
C ALA A 239 -2.27 -7.37 8.87
N MET A 240 -1.53 -6.65 9.73
CA MET A 240 -1.47 -5.20 9.64
C MET A 240 -0.38 -4.68 8.71
N ARG A 241 0.44 -5.59 8.16
CA ARG A 241 1.55 -5.20 7.29
C ARG A 241 1.07 -4.71 5.96
N ASN A 242 1.50 -3.49 5.60
CA ASN A 242 1.15 -2.95 4.30
C ASN A 242 2.24 -3.43 3.34
N ARG A 243 2.14 -4.70 2.94
CA ARG A 243 3.13 -5.43 2.11
C ARG A 243 3.51 -4.73 0.82
N ALA A 244 2.52 -4.06 0.17
CA ALA A 244 2.72 -3.32 -1.09
C ALA A 244 3.75 -2.23 -0.98
N MET A 245 3.92 -1.68 0.22
CA MET A 245 4.89 -0.60 0.49
C MET A 245 6.05 -1.02 1.36
N ILE A 246 5.90 -2.16 2.05
CA ILE A 246 6.86 -2.63 3.06
C ILE A 246 7.60 -3.93 2.71
N ASP A 247 7.01 -4.83 1.92
CA ASP A 247 7.66 -6.11 1.56
C ASP A 247 8.52 -5.94 0.33
N VAL A 248 9.81 -6.19 0.46
CA VAL A 248 10.70 -6.09 -0.69
C VAL A 248 10.82 -7.49 -1.29
N PHE A 249 11.05 -7.58 -2.59
CA PHE A 249 11.18 -8.87 -3.29
C PHE A 249 11.98 -8.67 -4.56
N GLU A 250 12.55 -9.77 -5.11
CA GLU A 250 13.26 -9.70 -6.39
C GLU A 250 12.22 -9.65 -7.50
N PRO A 251 12.23 -8.57 -8.32
CA PRO A 251 11.20 -8.45 -9.36
C PRO A 251 11.37 -9.45 -10.51
N GLY A 252 12.51 -10.10 -10.60
CA GLY A 252 12.75 -11.11 -11.64
C GLY A 252 12.44 -10.63 -13.04
N SER A 253 11.75 -11.48 -13.86
CA SER A 253 11.43 -11.21 -15.27
C SER A 253 10.64 -9.94 -15.54
N THR A 254 9.97 -9.36 -14.52
CA THR A 254 9.18 -8.14 -14.73
C THR A 254 10.06 -6.90 -14.99
N VAL A 255 11.39 -7.01 -14.83
CA VAL A 255 12.34 -5.92 -15.09
C VAL A 255 12.85 -5.96 -16.51
N LYS A 256 12.71 -7.12 -17.20
CA LYS A 256 13.15 -7.29 -18.62
C LYS A 256 12.68 -6.16 -19.54
N PRO A 257 11.45 -5.63 -19.43
CA PRO A 257 11.06 -4.48 -20.27
C PRO A 257 11.98 -3.27 -20.10
N PHE A 258 12.58 -3.09 -18.91
CA PHE A 258 13.50 -1.98 -18.66
C PHE A 258 14.86 -2.25 -19.27
N SER A 259 15.31 -3.51 -19.23
CA SER A 259 16.56 -3.91 -19.89
C SER A 259 16.40 -3.68 -21.41
N MET A 260 15.21 -4.01 -21.94
CA MET A 260 14.87 -3.84 -23.35
C MET A 260 14.85 -2.35 -23.71
N SER A 261 14.30 -1.49 -22.84
CA SER A 261 14.28 -0.02 -23.08
C SER A 261 15.71 0.50 -23.26
N ALA A 262 16.64 0.06 -22.38
CA ALA A 262 18.04 0.48 -22.48
C ALA A 262 18.65 -0.05 -23.78
N ALA A 263 18.26 -1.29 -24.21
CA ALA A 263 18.79 -1.86 -25.46
C ALA A 263 18.37 -1.05 -26.68
N LEU A 264 17.09 -0.67 -26.74
CA LEU A 264 16.52 0.10 -27.83
C LEU A 264 17.01 1.56 -27.81
N ALA A 265 17.36 2.09 -26.62
CA ALA A 265 17.90 3.45 -26.50
C ALA A 265 19.38 3.51 -26.85
N SER A 266 20.07 2.35 -26.86
CA SER A 266 21.51 2.30 -27.07
C SER A 266 21.93 2.54 -28.52
N GLY A 267 21.00 2.38 -29.45
CA GLY A 267 21.27 2.47 -30.88
C GLY A 267 21.80 1.19 -31.51
N ARG A 268 21.99 0.15 -30.70
CA ARG A 268 22.59 -1.11 -31.14
C ARG A 268 21.55 -2.19 -31.41
N TRP A 269 20.29 -1.95 -31.03
CA TRP A 269 19.24 -2.97 -31.13
C TRP A 269 17.94 -2.44 -31.68
N LYS A 270 17.25 -3.27 -32.47
CA LYS A 270 15.91 -2.99 -32.99
C LYS A 270 15.05 -4.22 -32.73
N PRO A 271 13.70 -4.09 -32.65
CA PRO A 271 12.85 -5.25 -32.31
C PRO A 271 13.05 -6.50 -33.18
N SER A 272 13.31 -6.33 -34.47
CA SER A 272 13.52 -7.47 -35.38
C SER A 272 14.89 -8.11 -35.22
N ASP A 273 15.82 -7.55 -34.37
CA ASP A 273 17.12 -8.24 -34.20
C ASP A 273 16.92 -9.60 -33.54
N ILE A 274 17.85 -10.52 -33.76
CA ILE A 274 17.81 -11.87 -33.23
C ILE A 274 18.99 -12.14 -32.26
N VAL A 275 18.74 -12.97 -31.25
CA VAL A 275 19.72 -13.39 -30.26
C VAL A 275 19.61 -14.91 -30.24
N ASP A 276 20.74 -15.60 -30.33
CA ASP A 276 20.77 -17.07 -30.30
C ASP A 276 20.89 -17.46 -28.80
N VAL A 277 19.84 -18.09 -28.25
CA VAL A 277 19.76 -18.48 -26.85
C VAL A 277 20.03 -19.95 -26.66
N TYR A 278 20.31 -20.69 -27.74
CA TYR A 278 20.56 -22.13 -27.62
C TYR A 278 21.83 -22.34 -26.78
N PRO A 279 21.97 -23.38 -25.90
CA PRO A 279 20.99 -24.44 -25.57
C PRO A 279 20.05 -24.11 -24.39
N GLY A 280 19.77 -22.82 -24.16
CA GLY A 280 18.92 -22.43 -23.03
C GLY A 280 19.65 -22.26 -21.71
N THR A 281 20.98 -22.24 -21.77
CA THR A 281 21.90 -22.04 -20.65
C THR A 281 23.07 -21.23 -21.20
N LEU A 282 23.79 -20.53 -20.30
CA LEU A 282 24.95 -19.72 -20.62
C LEU A 282 25.86 -19.66 -19.40
N GLN A 283 27.07 -20.17 -19.56
CA GLN A 283 28.08 -20.21 -18.50
C GLN A 283 28.84 -18.89 -18.36
N ILE A 284 28.81 -18.32 -17.17
CA ILE A 284 29.54 -17.11 -16.79
C ILE A 284 30.35 -17.51 -15.56
N GLY A 285 31.56 -17.99 -15.82
CA GLY A 285 32.49 -18.49 -14.80
C GLY A 285 31.90 -19.61 -13.98
N ARG A 286 31.75 -19.35 -12.67
CA ARG A 286 31.17 -20.28 -11.69
C ARG A 286 29.65 -20.33 -11.84
N TYR A 287 29.05 -19.24 -12.33
CA TYR A 287 27.61 -19.09 -12.49
C TYR A 287 27.09 -19.55 -13.86
N THR A 288 25.88 -20.11 -13.85
CA THR A 288 25.21 -20.54 -15.06
C THR A 288 23.83 -19.88 -15.14
N ILE A 289 23.60 -19.10 -16.22
CA ILE A 289 22.31 -18.45 -16.46
C ILE A 289 21.45 -19.55 -17.12
N ARG A 290 20.24 -19.80 -16.63
CA ARG A 290 19.39 -20.85 -17.16
C ARG A 290 18.00 -20.33 -17.49
N ASP A 291 17.46 -20.77 -18.63
CA ASP A 291 16.09 -20.42 -19.02
C ASP A 291 15.16 -21.52 -18.52
N VAL A 292 13.87 -21.21 -18.38
CA VAL A 292 12.85 -22.17 -17.97
C VAL A 292 12.55 -23.13 -19.14
N SER A 293 12.21 -22.56 -20.29
CA SER A 293 11.97 -23.30 -21.52
C SER A 293 13.32 -23.30 -22.21
N ARG A 294 13.77 -24.45 -22.67
CA ARG A 294 15.08 -24.54 -23.28
C ARG A 294 15.00 -25.26 -24.64
N ASN A 295 14.05 -24.80 -25.47
CA ASN A 295 13.84 -25.34 -26.80
C ASN A 295 13.85 -24.21 -27.83
N SER A 296 14.72 -23.22 -27.61
CA SER A 296 14.86 -22.12 -28.55
C SER A 296 16.29 -21.97 -29.04
N ARG A 297 16.45 -21.36 -30.22
CA ARG A 297 17.75 -21.01 -30.75
C ARG A 297 17.62 -19.51 -30.98
N GLN A 298 17.23 -19.11 -32.17
CA GLN A 298 17.07 -17.70 -32.47
C GLN A 298 15.75 -17.22 -32.01
N LEU A 299 15.76 -16.06 -31.36
CA LEU A 299 14.56 -15.36 -30.90
C LEU A 299 14.73 -13.89 -31.25
N ASP A 300 13.65 -13.23 -31.72
CA ASP A 300 13.77 -11.79 -31.92
C ASP A 300 13.54 -11.12 -30.55
N LEU A 301 13.67 -9.79 -30.44
CA LEU A 301 13.56 -9.13 -29.13
C LEU A 301 12.26 -9.37 -28.40
N THR A 302 11.12 -9.36 -29.14
CA THR A 302 9.78 -9.66 -28.60
C THR A 302 9.70 -11.11 -28.11
N GLY A 303 10.31 -12.02 -28.88
CA GLY A 303 10.37 -13.45 -28.56
C GLY A 303 11.10 -13.66 -27.26
N ILE A 304 12.14 -12.85 -26.99
CA ILE A 304 12.92 -12.94 -25.75
C ILE A 304 11.96 -12.61 -24.56
N LEU A 305 11.10 -11.60 -24.74
CA LEU A 305 10.11 -11.24 -23.69
C LEU A 305 8.97 -12.28 -23.60
N ILE A 306 8.45 -12.79 -24.74
CA ILE A 306 7.37 -13.82 -24.75
C ILE A 306 7.84 -15.09 -24.02
N LYS A 307 9.02 -15.60 -24.42
CA LYS A 307 9.63 -16.80 -23.86
C LYS A 307 10.24 -16.53 -22.49
N SER A 308 10.50 -15.25 -22.17
CA SER A 308 11.10 -14.79 -20.92
C SER A 308 12.46 -15.45 -20.75
N SER A 309 13.30 -15.25 -21.77
CA SER A 309 14.63 -15.83 -21.82
C SER A 309 15.65 -15.01 -21.01
N ASN A 310 16.15 -15.57 -19.89
CA ASN A 310 17.20 -15.02 -19.04
C ASN A 310 18.48 -14.98 -19.88
N VAL A 311 18.68 -16.00 -20.70
CA VAL A 311 19.86 -16.05 -21.57
C VAL A 311 19.79 -14.90 -22.60
N GLY A 312 18.66 -14.74 -23.29
CA GLY A 312 18.49 -13.71 -24.31
C GLY A 312 18.76 -12.32 -23.79
N ILE A 313 18.16 -12.00 -22.64
CA ILE A 313 18.33 -10.66 -22.04
C ILE A 313 19.75 -10.43 -21.53
N SER A 314 20.39 -11.48 -21.00
CA SER A 314 21.79 -11.43 -20.54
C SER A 314 22.70 -11.12 -21.74
N LYS A 315 22.51 -11.80 -22.85
CA LYS A 315 23.34 -11.54 -24.04
C LYS A 315 23.24 -10.08 -24.53
N ILE A 316 22.01 -9.51 -24.52
CA ILE A 316 21.78 -8.09 -24.88
C ILE A 316 22.49 -7.20 -23.85
N ALA A 317 22.33 -7.50 -22.54
CA ALA A 317 22.98 -6.76 -21.45
C ALA A 317 24.52 -6.70 -21.65
N PHE A 318 25.18 -7.81 -22.03
CA PHE A 318 26.65 -7.80 -22.25
C PHE A 318 27.04 -6.84 -23.38
N ASP A 319 26.20 -6.77 -24.42
CA ASP A 319 26.44 -5.93 -25.59
C ASP A 319 26.31 -4.45 -25.29
N ILE A 320 25.24 -4.04 -24.58
CA ILE A 320 24.98 -2.62 -24.29
C ILE A 320 25.68 -2.13 -23.03
N GLY A 321 25.98 -3.06 -22.12
CA GLY A 321 26.61 -2.74 -20.83
C GLY A 321 25.58 -2.48 -19.75
N ALA A 322 25.90 -2.92 -18.53
CA ALA A 322 25.00 -2.79 -17.37
C ALA A 322 24.69 -1.36 -16.94
N GLU A 323 25.61 -0.39 -17.19
CA GLU A 323 25.42 1.02 -16.84
C GLU A 323 24.10 1.59 -17.44
N SER A 324 23.85 1.33 -18.74
CA SER A 324 22.63 1.77 -19.45
C SER A 324 21.38 1.18 -18.82
N ILE A 325 21.45 -0.09 -18.38
CA ILE A 325 20.32 -0.78 -17.74
C ILE A 325 20.08 -0.22 -16.35
N TYR A 326 21.13 -0.13 -15.52
CA TYR A 326 21.02 0.41 -14.17
C TYR A 326 20.33 1.78 -14.21
N SER A 327 20.75 2.62 -15.18
CA SER A 327 20.27 3.99 -15.35
C SER A 327 18.76 4.02 -15.63
N VAL A 328 18.25 3.15 -16.54
CA VAL A 328 16.80 3.07 -16.81
C VAL A 328 16.07 2.67 -15.53
N MET A 329 16.55 1.61 -14.87
CA MET A 329 15.90 1.12 -13.65
C MET A 329 15.90 2.17 -12.55
N GLN A 330 17.03 2.87 -12.38
CA GLN A 330 17.12 3.91 -11.38
C GLN A 330 16.16 5.06 -11.74
N GLN A 331 16.14 5.47 -13.01
CA GLN A 331 15.27 6.56 -13.47
C GLN A 331 13.79 6.25 -13.31
N VAL A 332 13.37 4.98 -13.49
CA VAL A 332 11.95 4.61 -13.32
C VAL A 332 11.53 4.44 -11.85
N GLY A 333 12.51 4.44 -10.93
CA GLY A 333 12.22 4.36 -9.50
C GLY A 333 12.43 3.01 -8.81
N LEU A 334 13.05 2.02 -9.49
CA LEU A 334 13.30 0.73 -8.86
C LEU A 334 14.40 0.87 -7.83
N GLY A 335 14.13 0.46 -6.59
CA GLY A 335 15.07 0.58 -5.49
C GLY A 335 15.25 2.02 -5.05
N GLN A 336 14.29 2.90 -5.41
CA GLN A 336 14.37 4.34 -5.10
C GLN A 336 13.25 4.80 -4.17
N ASP A 337 13.51 5.89 -3.45
CA ASP A 337 12.58 6.54 -2.55
C ASP A 337 11.37 6.98 -3.35
N THR A 338 10.17 6.58 -2.92
CA THR A 338 8.93 6.95 -3.65
C THR A 338 8.52 8.41 -3.38
N GLY A 339 9.01 8.97 -2.28
CA GLY A 339 8.68 10.31 -1.83
C GLY A 339 7.32 10.37 -1.17
N LEU A 340 6.71 9.21 -0.89
CA LEU A 340 5.38 9.19 -0.28
C LEU A 340 5.38 9.53 1.20
N GLY A 341 6.56 9.44 1.83
CA GLY A 341 6.72 9.78 3.24
C GLY A 341 5.84 8.97 4.17
N PHE A 342 5.78 7.67 3.97
CA PHE A 342 5.05 6.77 4.86
C PHE A 342 6.14 6.21 5.77
N PRO A 343 6.18 6.51 7.09
CA PRO A 343 7.27 5.98 7.94
C PRO A 343 7.27 4.46 7.89
N GLY A 344 8.46 3.87 7.79
CA GLY A 344 8.64 2.41 7.69
C GLY A 344 8.53 1.85 6.28
N GLU A 345 8.24 2.70 5.28
CA GLU A 345 8.13 2.29 3.88
C GLU A 345 9.54 1.87 3.47
N ARG A 346 9.66 0.70 2.79
CA ARG A 346 10.96 0.18 2.41
C ARG A 346 11.37 0.75 1.07
N VAL A 347 12.66 1.02 0.89
CA VAL A 347 13.21 1.60 -0.35
C VAL A 347 13.76 0.46 -1.26
N GLY A 348 14.11 -0.67 -0.64
CA GLY A 348 14.73 -1.81 -1.32
C GLY A 348 16.16 -1.50 -1.73
N ASN A 349 16.67 -2.20 -2.77
CA ASN A 349 18.04 -1.94 -3.24
C ASN A 349 18.20 -2.26 -4.71
N LEU A 350 18.89 -1.38 -5.42
CA LEU A 350 19.24 -1.60 -6.82
C LEU A 350 20.78 -1.65 -6.78
N PRO A 351 21.43 -2.82 -7.07
CA PRO A 351 22.91 -2.87 -6.95
C PRO A 351 23.58 -1.97 -7.98
N ASN A 352 24.73 -1.41 -7.62
CA ASN A 352 25.51 -0.51 -8.50
C ASN A 352 26.98 -0.82 -8.39
N HIS A 353 27.70 -0.67 -9.50
CA HIS A 353 29.13 -0.90 -9.61
C HIS A 353 29.78 0.19 -10.45
N ARG A 354 31.09 0.34 -10.29
CA ARG A 354 31.89 1.23 -11.09
C ARG A 354 32.25 0.34 -12.30
N LYS A 355 32.70 -0.89 -12.02
CA LYS A 355 33.03 -1.90 -13.02
C LYS A 355 32.08 -3.06 -12.79
N TRP A 356 31.12 -3.23 -13.71
CA TRP A 356 30.16 -4.30 -13.65
C TRP A 356 30.76 -5.62 -14.13
N PRO A 357 30.85 -6.64 -13.26
CA PRO A 357 31.32 -7.95 -13.73
C PRO A 357 30.24 -8.60 -14.60
N LYS A 358 30.62 -9.60 -15.43
CA LYS A 358 29.67 -10.26 -16.32
C LYS A 358 28.47 -10.87 -15.59
N ALA A 359 28.68 -11.63 -14.50
CA ALA A 359 27.58 -12.24 -13.76
C ALA A 359 26.57 -11.20 -13.24
N GLU A 360 27.05 -10.09 -12.64
CA GLU A 360 26.21 -9.00 -12.11
C GLU A 360 25.45 -8.28 -13.20
N THR A 361 26.07 -8.15 -14.40
CA THR A 361 25.46 -7.52 -15.58
C THR A 361 24.22 -8.32 -15.99
N ALA A 362 24.37 -9.66 -16.13
CA ALA A 362 23.30 -10.58 -16.50
C ALA A 362 22.17 -10.56 -15.46
N THR A 363 22.51 -10.76 -14.17
CA THR A 363 21.51 -10.83 -13.08
C THR A 363 20.70 -9.56 -12.93
N LEU A 364 21.35 -8.38 -13.12
CA LEU A 364 20.65 -7.09 -13.10
C LEU A 364 19.58 -7.10 -14.20
N ALA A 365 19.97 -7.55 -15.45
CA ALA A 365 19.12 -7.56 -16.63
C ALA A 365 17.87 -8.40 -16.48
N TYR A 366 17.95 -9.51 -15.69
CA TYR A 366 16.79 -10.36 -15.47
C TYR A 366 16.17 -10.30 -14.08
N GLY A 367 16.48 -9.22 -13.36
CA GLY A 367 15.84 -8.87 -12.09
C GLY A 367 16.18 -9.71 -10.88
N TYR A 368 17.33 -10.37 -10.94
CA TYR A 368 17.85 -11.17 -9.87
C TYR A 368 18.78 -10.29 -9.03
N GLY A 369 18.71 -10.43 -7.73
CA GLY A 369 19.61 -9.67 -6.86
C GLY A 369 19.21 -8.24 -6.55
N LEU A 370 18.16 -7.71 -7.21
CA LEU A 370 17.67 -6.37 -6.85
C LEU A 370 16.43 -6.57 -6.02
N SER A 371 16.10 -5.60 -5.16
CA SER A 371 14.93 -5.72 -4.30
C SER A 371 14.06 -4.48 -4.37
N VAL A 372 12.78 -4.70 -4.68
CA VAL A 372 11.82 -3.61 -4.89
C VAL A 372 10.51 -3.85 -4.13
N THR A 373 9.63 -2.85 -4.09
CA THR A 373 8.28 -2.99 -3.50
C THR A 373 7.27 -3.02 -4.64
N ALA A 374 6.06 -3.56 -4.43
CA ALA A 374 5.02 -3.60 -5.48
C ALA A 374 4.70 -2.17 -5.94
N ILE A 375 4.74 -1.18 -5.03
CA ILE A 375 4.51 0.23 -5.37
C ILE A 375 5.56 0.77 -6.38
N GLN A 376 6.85 0.50 -6.14
CA GLN A 376 7.93 0.92 -7.05
C GLN A 376 7.77 0.25 -8.40
N LEU A 377 7.49 -1.05 -8.39
CA LEU A 377 7.27 -1.78 -9.63
C LEU A 377 6.09 -1.18 -10.43
N ALA A 378 5.00 -0.81 -9.72
CA ALA A 378 3.82 -0.21 -10.37
C ALA A 378 4.12 1.15 -10.97
N HIS A 379 4.91 1.96 -10.24
CA HIS A 379 5.31 3.30 -10.62
C HIS A 379 6.19 3.22 -11.88
N ALA A 380 7.09 2.23 -11.95
CA ALA A 380 7.99 1.98 -13.08
C ALA A 380 7.18 1.61 -14.33
N TYR A 381 6.15 0.75 -14.17
CA TYR A 381 5.28 0.38 -15.28
C TYR A 381 4.42 1.54 -15.72
N ALA A 382 4.07 2.43 -14.78
CA ALA A 382 3.30 3.62 -15.09
C ALA A 382 4.10 4.53 -16.01
N ALA A 383 5.41 4.75 -15.74
CA ALA A 383 6.28 5.59 -16.56
C ALA A 383 6.37 5.06 -17.99
N LEU A 384 6.61 3.76 -18.12
CA LEU A 384 6.65 3.08 -19.41
C LEU A 384 5.30 3.20 -20.15
N ALA A 385 4.18 3.04 -19.44
CA ALA A 385 2.83 3.17 -20.04
C ALA A 385 2.53 4.61 -20.45
N ASN A 386 3.02 5.57 -19.65
CA ASN A 386 2.79 7.00 -19.88
C ASN A 386 3.78 7.55 -20.91
N ASP A 387 4.06 6.77 -21.96
CA ASP A 387 5.00 7.11 -23.04
C ASP A 387 6.41 7.58 -22.53
N GLY A 388 6.90 6.89 -21.51
CA GLY A 388 8.23 7.12 -20.94
C GLY A 388 8.33 8.24 -19.92
N LYS A 389 7.19 8.85 -19.54
CA LYS A 389 7.14 9.96 -18.58
C LYS A 389 6.73 9.53 -17.18
N SER A 390 7.62 9.75 -16.18
CA SER A 390 7.30 9.40 -14.81
C SER A 390 6.66 10.61 -14.11
N VAL A 391 5.45 10.43 -13.61
CA VAL A 391 4.73 11.47 -12.90
C VAL A 391 4.85 11.08 -11.41
N PRO A 392 5.21 12.04 -10.51
CA PRO A 392 5.37 11.69 -9.07
C PRO A 392 4.19 10.91 -8.50
N LEU A 393 4.49 9.87 -7.72
CA LEU A 393 3.47 9.06 -7.03
C LEU A 393 2.71 9.93 -6.05
N SER A 394 1.41 9.69 -5.92
CA SER A 394 0.57 10.38 -4.97
C SER A 394 -0.43 9.43 -4.36
N MET A 395 -0.67 9.58 -3.05
CA MET A 395 -1.68 8.80 -2.30
C MET A 395 -2.88 9.73 -2.05
N THR A 396 -2.78 10.99 -2.46
CA THR A 396 -3.89 11.94 -2.33
C THR A 396 -4.39 12.34 -3.70
N ARG A 397 -5.66 12.79 -3.79
CA ARG A 397 -6.25 13.22 -5.04
C ARG A 397 -5.45 14.33 -5.73
N VAL A 398 -5.10 14.08 -6.99
CA VAL A 398 -4.31 15.04 -7.76
C VAL A 398 -5.28 15.83 -8.64
N ASP A 399 -5.45 17.13 -8.37
CA ASP A 399 -6.33 17.99 -9.18
C ASP A 399 -5.52 18.67 -10.29
N ARG A 400 -4.30 19.14 -9.97
CA ARG A 400 -3.40 19.76 -10.92
C ARG A 400 -2.21 18.83 -10.98
N VAL A 401 -2.01 18.17 -12.12
CA VAL A 401 -0.97 17.19 -12.31
C VAL A 401 0.40 17.86 -12.39
N PRO A 402 1.39 17.43 -11.57
CA PRO A 402 2.74 18.04 -11.67
C PRO A 402 3.41 17.64 -13.00
N ASP A 403 4.43 18.38 -13.43
CA ASP A 403 5.16 18.01 -14.64
C ASP A 403 5.85 16.66 -14.39
N GLY A 404 5.84 15.79 -15.37
CA GLY A 404 6.52 14.51 -15.20
C GLY A 404 7.95 14.65 -15.63
N VAL A 405 8.75 13.60 -15.46
CA VAL A 405 10.12 13.61 -15.95
C VAL A 405 10.14 12.60 -17.08
N GLN A 406 10.67 12.97 -18.27
CA GLN A 406 10.81 12.06 -19.40
C GLN A 406 12.02 11.21 -19.04
N VAL A 407 11.79 9.95 -18.67
CA VAL A 407 12.81 9.01 -18.21
C VAL A 407 13.24 8.05 -19.32
N ILE A 408 12.29 7.67 -20.16
CA ILE A 408 12.51 6.85 -21.33
C ILE A 408 11.98 7.70 -22.50
N SER A 409 12.65 7.67 -23.66
CA SER A 409 12.21 8.39 -24.85
C SER A 409 10.80 7.91 -25.28
N PRO A 410 9.89 8.82 -25.73
CA PRO A 410 8.55 8.38 -26.16
C PRO A 410 8.55 7.25 -27.22
N GLU A 411 9.47 7.33 -28.19
CA GLU A 411 9.62 6.32 -29.24
C GLU A 411 9.98 4.97 -28.64
N VAL A 412 10.99 4.93 -27.75
CA VAL A 412 11.39 3.67 -27.11
C VAL A 412 10.26 3.12 -26.26
N ALA A 413 9.61 4.00 -25.48
CA ALA A 413 8.53 3.55 -24.61
C ALA A 413 7.38 2.95 -25.43
N SER A 414 7.03 3.60 -26.54
CA SER A 414 5.97 3.13 -27.42
C SER A 414 6.36 1.79 -28.06
N THR A 415 7.64 1.63 -28.41
CA THR A 415 8.11 0.35 -28.98
C THR A 415 7.95 -0.77 -27.93
N VAL A 416 8.41 -0.52 -26.70
CA VAL A 416 8.31 -1.47 -25.58
C VAL A 416 6.85 -1.80 -25.26
N GLN A 417 5.95 -0.81 -25.32
CA GLN A 417 4.50 -1.03 -25.13
C GLN A 417 3.96 -2.08 -26.12
N GLY A 418 4.34 -1.95 -27.39
CA GLY A 418 3.94 -2.88 -28.45
C GLY A 418 4.44 -4.28 -28.20
N MET A 419 5.70 -4.40 -27.74
CA MET A 419 6.26 -5.72 -27.44
C MET A 419 5.50 -6.37 -26.28
N LEU A 420 5.21 -5.59 -25.22
CA LEU A 420 4.44 -6.09 -24.07
C LEU A 420 3.00 -6.48 -24.48
N GLN A 421 2.41 -5.80 -25.48
CA GLN A 421 1.08 -6.15 -25.99
C GLN A 421 1.18 -7.55 -26.67
N GLN A 422 2.26 -7.77 -27.45
CA GLN A 422 2.55 -9.07 -28.05
C GLN A 422 2.84 -10.11 -26.98
N VAL A 423 3.50 -9.75 -25.86
CA VAL A 423 3.71 -10.73 -24.77
C VAL A 423 2.35 -11.33 -24.34
N VAL A 424 1.33 -10.48 -24.19
CA VAL A 424 -0.01 -10.88 -23.76
C VAL A 424 -0.82 -11.56 -24.88
N GLU A 425 -0.78 -10.98 -26.10
CA GLU A 425 -1.58 -11.43 -27.25
C GLU A 425 -1.00 -12.43 -28.23
N ALA A 426 0.33 -12.59 -28.29
CA ALA A 426 0.93 -13.50 -29.27
C ALA A 426 0.85 -14.98 -28.91
N GLN A 427 1.12 -15.83 -29.92
CA GLN A 427 1.23 -17.29 -29.83
C GLN A 427 2.35 -17.59 -28.81
N GLY A 428 2.04 -18.39 -27.80
CA GLY A 428 2.96 -18.74 -26.72
C GLY A 428 3.00 -17.69 -25.61
N GLY A 429 2.25 -16.59 -25.79
CA GLY A 429 2.18 -15.51 -24.82
C GLY A 429 1.38 -15.79 -23.56
N VAL A 430 1.25 -14.79 -22.69
CA VAL A 430 0.54 -14.85 -21.40
C VAL A 430 -0.94 -14.60 -21.71
N PHE A 431 -1.62 -15.58 -22.33
CA PHE A 431 -3.04 -15.47 -22.72
C PHE A 431 -3.99 -15.18 -21.56
N ARG A 432 -3.67 -15.70 -20.35
CA ARG A 432 -4.53 -15.48 -19.18
C ARG A 432 -4.58 -14.00 -18.72
N ALA A 433 -3.65 -13.14 -19.21
CA ALA A 433 -3.64 -11.70 -18.87
C ALA A 433 -4.51 -10.88 -19.84
N GLN A 434 -4.97 -11.50 -20.95
CA GLN A 434 -5.85 -10.86 -21.93
C GLN A 434 -7.08 -10.27 -21.24
N VAL A 435 -7.47 -9.06 -21.65
CA VAL A 435 -8.57 -8.32 -21.05
C VAL A 435 -9.63 -8.21 -22.13
N PRO A 436 -10.65 -9.08 -22.08
CA PRO A 436 -11.65 -9.11 -23.17
C PRO A 436 -12.29 -7.74 -23.44
N GLY A 437 -12.19 -7.31 -24.69
CA GLY A 437 -12.68 -6.00 -25.13
C GLY A 437 -11.58 -4.98 -25.34
N TYR A 438 -10.42 -5.22 -24.72
CA TYR A 438 -9.29 -4.31 -24.76
C TYR A 438 -7.99 -4.97 -25.17
N HIS A 439 -7.02 -4.16 -25.63
CA HIS A 439 -5.67 -4.56 -25.91
C HIS A 439 -4.96 -4.28 -24.57
N ALA A 440 -4.39 -5.31 -23.95
CA ALA A 440 -3.65 -5.19 -22.70
C ALA A 440 -2.17 -5.55 -22.97
N ALA A 441 -1.26 -5.06 -22.14
CA ALA A 441 0.16 -5.30 -22.30
C ALA A 441 0.75 -5.55 -20.93
N GLY A 442 1.75 -6.43 -20.87
CA GLY A 442 2.38 -6.71 -19.60
C GLY A 442 3.44 -7.79 -19.64
N LYS A 443 3.93 -8.15 -18.47
CA LYS A 443 5.01 -9.11 -18.32
C LYS A 443 4.86 -9.85 -17.03
N SER A 444 5.01 -11.16 -17.09
CA SER A 444 4.92 -11.98 -15.90
C SER A 444 6.31 -12.15 -15.29
N GLY A 445 6.34 -12.60 -14.04
CA GLY A 445 7.57 -12.91 -13.35
C GLY A 445 7.34 -14.03 -12.35
N THR A 446 8.40 -14.76 -12.04
CA THR A 446 8.39 -15.84 -11.05
C THR A 446 9.73 -15.73 -10.34
N ALA A 447 9.68 -15.42 -9.05
CA ALA A 447 10.90 -15.22 -8.27
C ALA A 447 11.00 -16.25 -7.17
N ARG A 448 11.97 -17.18 -7.32
CA ARG A 448 12.27 -18.23 -6.35
C ARG A 448 12.90 -17.51 -5.17
N LYS A 449 12.27 -17.62 -4.00
CA LYS A 449 12.67 -16.94 -2.76
C LYS A 449 13.97 -17.46 -2.16
N ASN A 460 10.40 -25.68 -2.42
CA ASN A 460 10.76 -24.44 -3.09
C ASN A 460 9.63 -23.42 -3.05
N ALA A 461 9.89 -22.26 -2.41
CA ALA A 461 8.97 -21.13 -2.20
C ALA A 461 9.20 -20.02 -3.26
N TYR A 462 8.10 -19.55 -3.89
CA TYR A 462 8.10 -18.57 -4.98
C TYR A 462 7.12 -17.43 -4.72
N ARG A 463 7.27 -16.35 -5.51
CA ARG A 463 6.34 -15.24 -5.59
C ARG A 463 5.92 -15.20 -7.03
N SER A 464 4.61 -15.14 -7.26
CA SER A 464 4.09 -15.05 -8.63
CA SER A 464 4.07 -15.07 -8.61
C SER A 464 3.85 -13.58 -8.95
N LEU A 465 4.33 -13.13 -10.10
CA LEU A 465 4.16 -11.71 -10.40
C LEU A 465 3.60 -11.45 -11.75
N PHE A 466 2.81 -10.39 -11.86
CA PHE A 466 2.34 -9.87 -13.15
C PHE A 466 2.28 -8.35 -13.05
N ALA A 467 2.86 -7.66 -14.04
CA ALA A 467 2.87 -6.20 -14.10
C ALA A 467 2.46 -5.79 -15.47
N GLY A 468 1.52 -4.88 -15.54
CA GLY A 468 1.08 -4.47 -16.86
C GLY A 468 0.26 -3.22 -16.89
N PHE A 469 -0.31 -2.94 -18.07
CA PHE A 469 -1.12 -1.74 -18.30
C PHE A 469 -2.08 -1.91 -19.44
N ALA A 470 -3.01 -0.98 -19.53
CA ALA A 470 -4.05 -1.00 -20.54
C ALA A 470 -4.79 0.35 -20.58
N PRO A 471 -5.49 0.67 -21.69
CA PRO A 471 -5.54 -0.03 -22.99
C PRO A 471 -4.20 0.15 -23.70
N ALA A 472 -3.65 -0.96 -24.27
CA ALA A 472 -2.32 -0.96 -24.90
C ALA A 472 -2.05 0.18 -25.89
N THR A 473 -3.11 0.64 -26.55
CA THR A 473 -3.14 1.67 -27.59
C THR A 473 -3.14 3.12 -27.07
N ASP A 474 -3.62 3.34 -25.83
CA ASP A 474 -3.67 4.66 -25.19
C ASP A 474 -3.66 4.38 -23.66
N PRO A 475 -2.52 3.97 -23.05
CA PRO A 475 -2.56 3.54 -21.64
C PRO A 475 -3.13 4.48 -20.61
N ARG A 476 -3.95 3.91 -19.72
CA ARG A 476 -4.62 4.67 -18.66
C ARG A 476 -4.22 4.23 -17.28
N ILE A 477 -4.16 2.90 -17.10
CA ILE A 477 -3.82 2.31 -15.83
C ILE A 477 -2.76 1.26 -15.87
N ALA A 478 -1.91 1.25 -14.82
CA ALA A 478 -0.87 0.25 -14.66
C ALA A 478 -1.28 -0.57 -13.46
N MET A 479 -0.92 -1.82 -13.46
CA MET A 479 -1.27 -2.68 -12.34
C MET A 479 -0.17 -3.67 -12.04
N VAL A 480 0.00 -4.00 -10.76
CA VAL A 480 0.97 -5.01 -10.32
C VAL A 480 0.22 -5.97 -9.40
N VAL A 481 0.32 -7.27 -9.68
CA VAL A 481 -0.29 -8.32 -8.85
C VAL A 481 0.91 -9.14 -8.31
N VAL A 482 1.00 -9.28 -6.98
CA VAL A 482 2.07 -10.07 -6.34
C VAL A 482 1.42 -11.15 -5.47
N ILE A 483 1.68 -12.42 -5.78
CA ILE A 483 1.11 -13.53 -5.03
C ILE A 483 2.24 -14.29 -4.35
N ASP A 484 2.22 -14.33 -3.02
CA ASP A 484 3.31 -14.87 -2.21
C ASP A 484 3.09 -16.30 -1.76
N GLU A 485 3.97 -17.18 -2.22
CA GLU A 485 3.93 -18.61 -1.92
C GLU A 485 2.64 -19.32 -2.35
N PRO A 486 2.29 -19.34 -3.67
CA PRO A 486 1.10 -20.13 -4.07
C PRO A 486 1.38 -21.61 -3.79
N SER A 487 0.44 -22.31 -3.15
CA SER A 487 0.60 -23.70 -2.78
C SER A 487 -0.27 -24.69 -3.60
N LYS A 488 -0.34 -24.46 -4.94
CA LYS A 488 -1.06 -25.30 -5.93
C LYS A 488 -0.13 -25.58 -7.14
N ALA A 489 -0.47 -26.62 -7.96
CA ALA A 489 0.28 -27.11 -9.15
C ALA A 489 1.04 -26.05 -9.97
N GLY A 490 0.36 -24.95 -10.29
CA GLY A 490 0.96 -23.84 -11.02
C GLY A 490 1.46 -22.77 -10.08
N TYR A 491 2.67 -22.25 -10.32
CA TYR A 491 3.27 -21.18 -9.50
C TYR A 491 3.76 -20.01 -10.36
N PHE A 492 4.02 -20.24 -11.66
CA PHE A 492 4.48 -19.20 -12.59
C PHE A 492 3.55 -17.98 -12.59
N GLY A 493 4.13 -16.80 -12.76
CA GLY A 493 3.44 -15.51 -12.84
C GLY A 493 2.36 -15.45 -13.90
N GLY A 494 2.62 -16.14 -15.01
CA GLY A 494 1.70 -16.24 -16.12
C GLY A 494 0.48 -17.08 -15.83
N LEU A 495 0.58 -17.96 -14.83
CA LEU A 495 -0.54 -18.82 -14.46
C LEU A 495 -1.30 -18.31 -13.24
N VAL A 496 -0.56 -17.80 -12.24
CA VAL A 496 -1.15 -17.42 -10.97
C VAL A 496 -1.59 -15.96 -10.86
N SER A 497 -0.73 -15.02 -11.26
CA SER A 497 -1.06 -13.59 -11.17
C SER A 497 -1.74 -13.00 -12.40
N ALA A 498 -1.45 -13.54 -13.62
CA ALA A 498 -2.00 -13.02 -14.87
C ALA A 498 -3.54 -13.01 -14.85
N PRO A 499 -4.27 -14.09 -14.42
CA PRO A 499 -5.75 -13.99 -14.39
C PRO A 499 -6.32 -12.99 -13.40
N VAL A 500 -5.54 -12.60 -12.35
CA VAL A 500 -6.00 -11.58 -11.37
C VAL A 500 -5.93 -10.21 -12.06
N PHE A 501 -4.81 -9.95 -12.77
CA PHE A 501 -4.64 -8.72 -13.58
C PHE A 501 -5.81 -8.64 -14.57
N SER A 502 -6.12 -9.74 -15.28
CA SER A 502 -7.22 -9.78 -16.26
C SER A 502 -8.55 -9.32 -15.65
N LYS A 503 -8.95 -9.93 -14.53
CA LYS A 503 -10.22 -9.67 -13.84
C LYS A 503 -10.27 -8.25 -13.29
N VAL A 504 -9.21 -7.83 -12.64
CA VAL A 504 -9.17 -6.49 -12.01
C VAL A 504 -9.11 -5.41 -13.08
N MET A 505 -8.29 -5.61 -14.11
CA MET A 505 -8.21 -4.65 -15.23
C MET A 505 -9.55 -4.53 -15.96
N ALA A 506 -10.22 -5.68 -16.30
CA ALA A 506 -11.51 -5.63 -17.00
C ALA A 506 -12.51 -4.77 -16.23
N GLY A 507 -12.55 -4.92 -14.91
CA GLY A 507 -13.45 -4.15 -14.07
C GLY A 507 -13.02 -2.70 -13.90
N ALA A 508 -11.74 -2.45 -13.66
CA ALA A 508 -11.23 -1.08 -13.43
C ALA A 508 -11.41 -0.18 -14.65
N LEU A 509 -11.11 -0.68 -15.86
CA LEU A 509 -11.27 0.13 -17.06
C LEU A 509 -12.72 0.48 -17.27
N ARG A 510 -13.65 -0.46 -16.97
CA ARG A 510 -15.09 -0.18 -17.16
C ARG A 510 -15.61 0.76 -16.06
N LEU A 511 -15.10 0.63 -14.84
CA LEU A 511 -15.50 1.52 -13.75
C LEU A 511 -15.08 2.96 -14.07
N MET A 512 -13.98 3.15 -14.84
CA MET A 512 -13.46 4.47 -15.22
C MET A 512 -13.96 4.94 -16.57
N ASN A 513 -14.93 4.19 -17.17
CA ASN A 513 -15.54 4.45 -18.46
C ASN A 513 -14.50 4.59 -19.58
N VAL A 514 -13.47 3.75 -19.53
CA VAL A 514 -12.43 3.72 -20.52
C VAL A 514 -13.03 3.05 -21.77
N PRO A 515 -13.11 3.73 -22.93
CA PRO A 515 -13.74 3.08 -24.09
C PRO A 515 -12.92 1.89 -24.58
N PRO A 516 -13.56 0.72 -24.85
CA PRO A 516 -12.79 -0.44 -25.35
C PRO A 516 -12.08 -0.07 -26.65
N ASP A 517 -10.85 -0.56 -26.79
CA ASP A 517 -10.00 -0.20 -27.91
C ASP A 517 -9.76 -1.33 -28.91
N ASN A 518 -10.29 -2.54 -28.63
CA ASN A 518 -10.08 -3.70 -29.48
C ASN A 518 -11.04 -3.70 -30.68
#